data_6Q4B
#
_entry.id   6Q4B
#
_cell.length_a   53.201
_cell.length_b   72.191
_cell.length_c   72.374
_cell.angle_alpha   90.00
_cell.angle_beta   90.00
_cell.angle_gamma   90.00
#
_symmetry.space_group_name_H-M   'P 21 21 21'
#
loop_
_entity.id
_entity.type
_entity.pdbx_description
1 polymer 'Cyclin-dependent kinase 2'
2 non-polymer 5-bromanylpyrimidine
3 water water
#
_entity_poly.entity_id   1
_entity_poly.type   'polypeptide(L)'
_entity_poly.pdbx_seq_one_letter_code
;GPLGSPEFMENFQKVEKIGEGTYGVVYKARNKLTGEVVALKKIRLDTETEGVPSTAIREISLLKELNHPNIVKLLDVIHT
ENKLYLVFEFLHQDLKKFMDASALTGIPLPLIKSYLFQLLQGLAFCHSHRVLHRDLKPQNLLINTEGAIKLADFGLARAF
GVPVRTYTHEVVTLWYRAPEILLGCKYYSTAVDIWSLGCIFAEMVTRRALFPGDSEIDQLFRIFRTLGTPDEVVWPGVTS
MPDYKPSFPKWARQDFSKVVPPLDEDGRSLLSQMLHYDPNKRISAKAALAHPFFQDVTKPVPHLRL
;
_entity_poly.pdbx_strand_id   A
#
loop_
_chem_comp.id
_chem_comp.type
_chem_comp.name
_chem_comp.formula
HHN non-polymer 5-bromanylpyrimidine 'C4 H3 Br N2'
#
# COMPACT_ATOMS: atom_id res chain seq x y z
N MET A 9 17.89 -24.63 -0.90
CA MET A 9 17.22 -25.79 -0.24
C MET A 9 17.98 -26.27 1.00
N GLU A 10 19.20 -25.76 1.26
CA GLU A 10 20.05 -26.24 2.40
C GLU A 10 19.31 -26.06 3.73
N ASN A 11 18.61 -24.95 3.86
CA ASN A 11 18.07 -24.51 5.16
C ASN A 11 16.55 -24.62 5.34
N PHE A 12 15.83 -25.00 4.30
CA PHE A 12 14.36 -25.08 4.45
C PHE A 12 13.77 -26.00 3.39
N GLN A 13 12.50 -26.37 3.55
N GLN A 13 12.48 -26.27 3.52
CA GLN A 13 11.83 -27.28 2.53
CA GLN A 13 11.80 -27.20 2.54
C GLN A 13 10.79 -26.43 1.76
C GLN A 13 10.75 -26.40 1.74
N LYS A 14 10.89 -26.30 0.41
CA LYS A 14 10.07 -25.32 -0.36
C LYS A 14 8.70 -25.88 -0.76
N VAL A 15 7.74 -25.80 0.20
CA VAL A 15 6.37 -26.41 0.16
C VAL A 15 5.71 -26.21 -1.21
N GLU A 16 5.53 -24.96 -1.66
CA GLU A 16 4.90 -24.63 -2.97
C GLU A 16 5.48 -23.30 -3.46
N LYS A 17 5.32 -22.95 -4.75
CA LYS A 17 5.39 -21.52 -5.16
C LYS A 17 4.12 -20.79 -4.69
N ILE A 18 4.20 -19.84 -3.76
CA ILE A 18 3.02 -19.03 -3.34
C ILE A 18 2.56 -18.26 -4.57
N GLY A 19 3.49 -17.61 -5.27
CA GLY A 19 3.15 -16.74 -6.39
C GLY A 19 4.36 -16.11 -7.04
N GLU A 20 4.10 -15.13 -7.89
CA GLU A 20 5.20 -14.47 -8.62
C GLU A 20 5.20 -13.01 -8.21
N GLY A 21 6.22 -12.61 -7.46
CA GLY A 21 6.19 -11.30 -6.80
C GLY A 21 6.82 -10.24 -7.68
N THR A 22 6.83 -9.01 -7.19
CA THR A 22 7.40 -7.88 -7.94
C THR A 22 8.87 -8.12 -8.25
N TYR A 23 9.62 -8.75 -7.34
CA TYR A 23 11.09 -8.83 -7.42
C TYR A 23 11.55 -10.28 -7.63
N GLY A 24 10.67 -11.25 -7.56
CA GLY A 24 11.14 -12.63 -7.71
C GLY A 24 10.11 -13.60 -7.21
N VAL A 25 10.39 -14.89 -7.29
CA VAL A 25 9.45 -15.95 -6.87
C VAL A 25 9.21 -15.84 -5.36
N VAL A 26 8.01 -16.21 -4.94
CA VAL A 26 7.59 -16.36 -3.54
C VAL A 26 7.17 -17.80 -3.29
N TYR A 27 7.74 -18.37 -2.28
CA TYR A 27 7.56 -19.77 -1.87
C TYR A 27 6.96 -19.78 -0.46
N LYS A 28 6.10 -20.77 -0.23
CA LYS A 28 5.84 -21.24 1.12
C LYS A 28 6.90 -22.27 1.45
N ALA A 29 7.53 -22.22 2.61
CA ALA A 29 8.61 -23.15 2.99
C ALA A 29 8.61 -23.42 4.48
N ARG A 30 9.27 -24.51 4.84
CA ARG A 30 9.46 -24.88 6.25
C ARG A 30 10.93 -24.74 6.64
N ASN A 31 11.16 -24.05 7.74
CA ASN A 31 12.53 -23.91 8.27
C ASN A 31 12.98 -25.25 8.81
N LYS A 32 14.16 -25.72 8.38
CA LYS A 32 14.53 -27.12 8.72
C LYS A 32 14.85 -27.23 10.20
N LEU A 33 15.39 -26.17 10.82
CA LEU A 33 15.84 -26.19 12.23
C LEU A 33 14.63 -26.08 13.13
N THR A 34 13.71 -25.17 12.80
CA THR A 34 12.61 -24.82 13.71
C THR A 34 11.29 -25.52 13.36
N GLY A 35 11.12 -25.95 12.10
CA GLY A 35 9.80 -26.45 11.63
C GLY A 35 8.81 -25.36 11.28
N GLU A 36 9.15 -24.11 11.46
CA GLU A 36 8.17 -23.03 11.20
C GLU A 36 7.93 -22.89 9.69
N VAL A 37 6.71 -22.56 9.34
CA VAL A 37 6.27 -22.27 7.97
C VAL A 37 6.45 -20.76 7.76
N VAL A 38 7.08 -20.43 6.63
CA VAL A 38 7.50 -19.06 6.33
C VAL A 38 7.21 -18.79 4.86
N ALA A 39 7.18 -17.51 4.52
CA ALA A 39 7.18 -17.04 3.14
C ALA A 39 8.65 -16.75 2.79
N LEU A 40 9.09 -17.33 1.69
CA LEU A 40 10.46 -17.09 1.23
C LEU A 40 10.38 -16.29 -0.05
N LYS A 41 11.06 -15.16 -0.11
CA LYS A 41 11.02 -14.31 -1.31
C LYS A 41 12.42 -14.29 -1.93
N LYS A 42 12.54 -14.77 -3.16
CA LYS A 42 13.84 -14.74 -3.84
C LYS A 42 13.95 -13.38 -4.54
N ILE A 43 15.05 -12.63 -4.40
CA ILE A 43 15.20 -11.28 -5.02
C ILE A 43 16.18 -11.48 -6.18
N ARG A 44 15.75 -11.33 -7.43
CA ARG A 44 16.69 -11.56 -8.56
C ARG A 44 17.47 -10.27 -8.87
N LEU A 45 18.68 -10.41 -9.42
CA LEU A 45 19.53 -9.24 -9.76
C LEU A 45 19.78 -9.22 -11.27
N PRO A 53 24.13 -6.34 -4.77
CA PRO A 53 24.61 -5.00 -4.42
C PRO A 53 24.65 -4.78 -2.90
N SER A 54 25.80 -4.32 -2.41
CA SER A 54 26.14 -4.24 -0.97
C SER A 54 25.22 -3.25 -0.24
N THR A 55 24.85 -2.15 -0.91
CA THR A 55 24.10 -1.03 -0.28
C THR A 55 22.68 -1.51 0.10
N ALA A 56 22.09 -2.31 -0.78
CA ALA A 56 20.76 -2.97 -0.64
C ALA A 56 20.79 -3.94 0.55
N ILE A 57 21.82 -4.71 0.71
CA ILE A 57 21.93 -5.68 1.82
C ILE A 57 21.95 -4.93 3.15
N ARG A 58 22.78 -3.91 3.33
CA ARG A 58 22.75 -3.23 4.66
C ARG A 58 21.37 -2.62 4.92
N GLU A 59 20.79 -1.99 3.92
CA GLU A 59 19.51 -1.29 4.06
C GLU A 59 18.44 -2.29 4.47
N ILE A 60 18.34 -3.37 3.73
CA ILE A 60 17.27 -4.35 4.01
C ILE A 60 17.53 -5.02 5.37
N SER A 61 18.78 -5.20 5.74
CA SER A 61 19.07 -5.87 7.02
C SER A 61 18.54 -5.06 8.18
N LEU A 62 18.58 -3.73 8.08
CA LEU A 62 18.12 -2.84 9.15
C LEU A 62 16.63 -3.10 9.42
N LEU A 63 15.87 -3.54 8.42
CA LEU A 63 14.43 -3.80 8.58
C LEU A 63 14.13 -4.97 9.51
N LYS A 64 15.09 -5.81 9.81
CA LYS A 64 14.88 -6.92 10.77
C LYS A 64 14.55 -6.37 12.15
N GLU A 65 14.92 -5.12 12.43
CA GLU A 65 14.59 -4.48 13.73
C GLU A 65 13.30 -3.69 13.68
N LEU A 66 12.67 -3.51 12.54
CA LEU A 66 11.46 -2.65 12.39
C LEU A 66 10.23 -3.55 12.65
N ASN A 67 10.05 -3.88 13.93
CA ASN A 67 9.08 -4.91 14.36
C ASN A 67 7.87 -4.21 14.95
N HIS A 68 6.69 -4.65 14.50
CA HIS A 68 5.39 -4.15 15.00
C HIS A 68 4.31 -5.16 14.65
N PRO A 69 3.23 -5.22 15.47
CA PRO A 69 2.21 -6.22 15.20
C PRO A 69 1.49 -6.08 13.86
N ASN A 70 1.53 -4.89 13.25
CA ASN A 70 0.86 -4.67 11.95
C ASN A 70 1.87 -4.55 10.82
N ILE A 71 3.09 -5.09 11.03
CA ILE A 71 4.11 -5.22 9.99
C ILE A 71 4.48 -6.68 9.87
N VAL A 72 4.42 -7.24 8.66
CA VAL A 72 4.81 -8.64 8.47
C VAL A 72 6.23 -8.82 8.94
N LYS A 73 6.47 -9.80 9.80
CA LYS A 73 7.79 -9.90 10.38
C LYS A 73 8.82 -10.38 9.35
N LEU A 74 9.92 -9.63 9.29
CA LEU A 74 11.08 -10.00 8.46
C LEU A 74 11.98 -10.85 9.38
N LEU A 75 11.99 -12.17 9.15
CA LEU A 75 12.71 -13.12 10.01
C LEU A 75 14.21 -13.20 9.66
N ASP A 76 14.55 -13.12 8.37
CA ASP A 76 15.96 -13.24 7.94
C ASP A 76 16.18 -12.67 6.58
N VAL A 77 17.41 -12.22 6.42
CA VAL A 77 17.88 -11.70 5.16
C VAL A 77 19.10 -12.59 4.91
N ILE A 78 18.94 -13.49 3.97
CA ILE A 78 19.86 -14.63 3.79
C ILE A 78 20.53 -14.25 2.51
N HIS A 79 21.81 -13.98 2.62
CA HIS A 79 22.61 -13.70 1.44
C HIS A 79 23.65 -14.83 1.38
N THR A 80 23.39 -15.83 0.59
CA THR A 80 24.30 -16.96 0.45
C THR A 80 24.35 -17.40 -1.00
N GLU A 81 25.46 -18.02 -1.42
CA GLU A 81 25.60 -18.44 -2.85
C GLU A 81 25.33 -17.26 -3.80
N ASN A 82 25.75 -16.05 -3.40
CA ASN A 82 25.60 -14.79 -4.20
C ASN A 82 24.15 -14.62 -4.64
N LYS A 83 23.19 -15.07 -3.78
CA LYS A 83 21.72 -14.89 -3.96
C LYS A 83 21.16 -14.24 -2.71
N LEU A 84 20.06 -13.54 -2.84
CA LEU A 84 19.31 -12.90 -1.72
C LEU A 84 17.88 -13.43 -1.57
N TYR A 85 17.63 -13.90 -0.39
CA TYR A 85 16.33 -14.44 0.00
C TYR A 85 15.89 -13.62 1.21
N LEU A 86 14.64 -13.24 1.19
CA LEU A 86 13.98 -12.63 2.37
C LEU A 86 13.04 -13.67 2.97
N VAL A 87 13.09 -13.86 4.27
CA VAL A 87 12.27 -14.85 4.97
C VAL A 87 11.29 -14.07 5.84
N PHE A 88 10.01 -14.24 5.58
CA PHE A 88 8.91 -13.50 6.25
C PHE A 88 8.02 -14.48 6.99
N GLU A 89 7.40 -13.98 8.05
CA GLU A 89 6.19 -14.58 8.68
C GLU A 89 5.23 -14.92 7.56
N PHE A 90 4.59 -16.07 7.64
CA PHE A 90 3.60 -16.50 6.66
C PHE A 90 2.19 -16.09 7.11
N LEU A 91 1.42 -15.48 6.23
CA LEU A 91 -0.01 -15.19 6.47
C LEU A 91 -0.80 -15.79 5.30
N HIS A 92 -2.01 -16.27 5.62
CA HIS A 92 -2.77 -17.14 4.71
C HIS A 92 -3.58 -16.37 3.65
N GLN A 93 -3.81 -15.07 3.75
CA GLN A 93 -4.66 -14.39 2.77
C GLN A 93 -4.12 -12.97 2.56
N ASP A 94 -4.37 -12.40 1.42
CA ASP A 94 -4.08 -10.96 1.20
C ASP A 94 -5.40 -10.21 0.98
N LEU A 95 -5.31 -8.89 1.11
CA LEU A 95 -6.54 -8.06 0.99
C LEU A 95 -7.09 -8.09 -0.44
N LYS A 96 -6.25 -8.20 -1.45
CA LYS A 96 -6.73 -8.22 -2.87
C LYS A 96 -7.68 -9.42 -2.99
N LYS A 97 -7.22 -10.59 -2.58
CA LYS A 97 -8.02 -11.82 -2.71
C LYS A 97 -9.25 -11.75 -1.84
N PHE A 98 -9.13 -11.16 -0.66
CA PHE A 98 -10.25 -11.01 0.29
C PHE A 98 -11.32 -10.08 -0.28
N MET A 99 -10.88 -8.99 -0.92
CA MET A 99 -11.81 -8.00 -1.53
C MET A 99 -12.52 -8.66 -2.73
N ASP A 100 -11.80 -9.49 -3.50
CA ASP A 100 -12.35 -10.18 -4.68
C ASP A 100 -13.40 -11.18 -4.17
N ALA A 101 -13.13 -11.92 -3.10
CA ALA A 101 -14.03 -12.92 -2.51
C ALA A 101 -15.24 -12.27 -1.84
N SER A 102 -15.16 -10.97 -1.56
CA SER A 102 -16.18 -10.16 -0.83
C SER A 102 -17.02 -9.33 -1.82
N ALA A 103 -16.85 -9.52 -3.12
CA ALA A 103 -17.38 -8.57 -4.13
C ALA A 103 -18.92 -8.51 -4.05
N LEU A 104 -19.59 -9.61 -3.76
CA LEU A 104 -21.05 -9.68 -3.96
C LEU A 104 -21.72 -9.00 -2.76
N THR A 105 -21.07 -9.01 -1.59
CA THR A 105 -21.61 -8.46 -0.34
C THR A 105 -20.90 -7.19 0.15
N GLY A 106 -19.62 -7.06 -0.17
CA GLY A 106 -18.74 -6.04 0.42
C GLY A 106 -18.16 -6.53 1.75
N ILE A 107 -17.03 -5.98 2.10
CA ILE A 107 -16.45 -6.13 3.47
C ILE A 107 -17.31 -5.34 4.43
N PRO A 108 -17.77 -5.92 5.55
CA PRO A 108 -18.55 -5.15 6.49
C PRO A 108 -17.84 -3.89 6.98
N LEU A 109 -18.55 -2.80 7.16
CA LEU A 109 -17.94 -1.52 7.60
C LEU A 109 -17.12 -1.67 8.88
N PRO A 110 -17.59 -2.40 9.91
CA PRO A 110 -16.74 -2.47 11.10
C PRO A 110 -15.38 -3.09 10.80
N LEU A 111 -15.35 -4.02 9.85
CA LEU A 111 -14.09 -4.68 9.52
C LEU A 111 -13.23 -3.74 8.66
N ILE A 112 -13.84 -2.99 7.73
CA ILE A 112 -13.08 -1.96 6.97
C ILE A 112 -12.46 -1.05 8.02
N LYS A 113 -13.21 -0.55 8.99
CA LYS A 113 -12.68 0.38 9.96
C LYS A 113 -11.53 -0.21 10.78
N SER A 114 -11.69 -1.44 11.24
CA SER A 114 -10.65 -2.17 11.96
C SER A 114 -9.35 -2.24 11.13
N TYR A 115 -9.52 -2.65 9.88
CA TYR A 115 -8.36 -2.81 9.01
C TYR A 115 -7.66 -1.45 8.78
N LEU A 116 -8.44 -0.41 8.50
CA LEU A 116 -7.83 0.91 8.27
C LEU A 116 -7.10 1.35 9.51
N PHE A 117 -7.70 1.17 10.68
CA PHE A 117 -7.09 1.58 11.96
C PHE A 117 -5.75 0.85 12.14
N GLN A 118 -5.75 -0.45 11.93
CA GLN A 118 -4.52 -1.25 12.09
C GLN A 118 -3.47 -0.82 11.06
N LEU A 119 -3.86 -0.60 9.81
CA LEU A 119 -2.90 -0.19 8.79
C LEU A 119 -2.27 1.14 9.15
N LEU A 120 -3.07 2.07 9.66
CA LEU A 120 -2.55 3.36 10.13
C LEU A 120 -1.59 3.19 11.25
N GLN A 121 -1.85 2.26 12.18
CA GLN A 121 -0.90 1.97 13.26
C GLN A 121 0.44 1.50 12.68
N GLY A 122 0.40 0.60 11.71
CA GLY A 122 1.63 0.16 11.08
C GLY A 122 2.38 1.28 10.40
N LEU A 123 1.67 2.11 9.66
CA LEU A 123 2.28 3.29 9.01
CA LEU A 123 2.34 3.24 9.01
C LEU A 123 2.87 4.19 10.07
N ALA A 124 2.13 4.51 11.10
CA ALA A 124 2.60 5.47 12.10
C ALA A 124 3.92 4.96 12.68
N PHE A 125 4.00 3.67 12.98
CA PHE A 125 5.23 3.08 13.53
C PHE A 125 6.36 3.23 12.52
N CYS A 126 6.18 2.81 11.31
CA CYS A 126 7.30 2.87 10.35
C CYS A 126 7.72 4.32 10.08
N HIS A 127 6.73 5.18 9.89
CA HIS A 127 7.03 6.61 9.62
C HIS A 127 7.76 7.25 10.78
N SER A 128 7.48 6.83 12.01
CA SER A 128 8.16 7.38 13.19
C SER A 128 9.66 6.98 13.18
N HIS A 129 10.01 5.89 12.50
CA HIS A 129 11.39 5.39 12.35
C HIS A 129 11.95 5.86 11.01
N ARG A 130 11.26 6.76 10.30
CA ARG A 130 11.72 7.35 9.04
C ARG A 130 11.87 6.25 7.98
N VAL A 131 10.94 5.27 7.96
CA VAL A 131 10.88 4.24 6.90
C VAL A 131 9.56 4.42 6.15
N LEU A 132 9.62 4.57 4.84
CA LEU A 132 8.46 4.58 3.98
C LEU A 132 8.26 3.26 3.28
N HIS A 133 7.06 3.04 2.80
CA HIS A 133 6.77 1.87 1.95
C HIS A 133 7.00 2.21 0.49
N ARG A 134 6.23 3.17 0.00
CA ARG A 134 6.26 3.73 -1.34
C ARG A 134 5.50 2.87 -2.36
N ASP A 135 5.12 1.64 -2.08
CA ASP A 135 4.40 0.81 -3.05
C ASP A 135 3.28 0.02 -2.39
N LEU A 136 2.47 0.67 -1.57
CA LEU A 136 1.37 -0.01 -0.88
C LEU A 136 0.28 -0.38 -1.90
N LYS A 137 -0.30 -1.56 -1.76
CA LYS A 137 -1.35 -2.07 -2.65
C LYS A 137 -2.04 -3.19 -1.92
N PRO A 138 -3.26 -3.56 -2.32
CA PRO A 138 -3.96 -4.64 -1.59
C PRO A 138 -3.18 -5.96 -1.53
N GLN A 139 -2.41 -6.24 -2.58
CA GLN A 139 -1.66 -7.51 -2.62
C GLN A 139 -0.59 -7.55 -1.52
N ASN A 140 -0.12 -6.43 -0.96
CA ASN A 140 0.88 -6.49 0.10
C ASN A 140 0.29 -6.15 1.46
N LEU A 141 -1.02 -6.30 1.61
CA LEU A 141 -1.68 -6.21 2.90
C LEU A 141 -2.18 -7.62 3.22
N LEU A 142 -1.62 -8.21 4.24
CA LEU A 142 -1.89 -9.64 4.56
C LEU A 142 -2.76 -9.75 5.80
N ILE A 143 -3.65 -10.75 5.77
CA ILE A 143 -4.66 -10.91 6.84
C ILE A 143 -4.59 -12.31 7.43
N ASN A 144 -4.94 -12.40 8.72
CA ASN A 144 -5.01 -13.69 9.45
C ASN A 144 -6.43 -13.91 9.98
N THR A 145 -6.62 -15.06 10.60
CA THR A 145 -7.92 -15.50 11.15
C THR A 145 -8.31 -14.73 12.40
N GLU A 146 -7.40 -14.03 13.06
CA GLU A 146 -7.61 -13.35 14.34
C GLU A 146 -8.10 -11.90 14.13
N GLY A 147 -8.35 -11.46 12.88
CA GLY A 147 -8.81 -10.11 12.62
C GLY A 147 -7.68 -9.12 12.44
N ALA A 148 -6.43 -9.59 12.38
CA ALA A 148 -5.29 -8.70 12.12
C ALA A 148 -5.08 -8.51 10.63
N ILE A 149 -4.47 -7.34 10.31
CA ILE A 149 -3.98 -7.05 8.96
C ILE A 149 -2.57 -6.45 9.16
N LYS A 150 -1.68 -6.81 8.21
CA LYS A 150 -0.29 -6.42 8.33
C LYS A 150 0.26 -5.97 6.98
N LEU A 151 1.19 -5.01 7.04
CA LEU A 151 1.86 -4.50 5.83
C LEU A 151 3.10 -5.34 5.51
N ALA A 152 3.18 -5.81 4.27
CA ALA A 152 4.33 -6.56 3.74
C ALA A 152 5.19 -5.64 2.85
N ASP A 153 6.47 -5.92 2.76
CA ASP A 153 7.43 -5.33 1.81
C ASP A 153 7.80 -3.86 2.20
N PHE A 154 7.59 -3.35 3.46
CA PHE A 154 8.00 -1.98 3.91
C PHE A 154 9.52 -1.84 3.70
N GLY A 155 10.00 -0.64 3.29
CA GLY A 155 11.43 -0.28 3.27
C GLY A 155 12.15 -0.80 2.07
N LEU A 156 11.52 -1.72 1.36
CA LEU A 156 12.15 -2.34 0.18
C LEU A 156 12.22 -1.39 -1.00
N ALA A 157 11.06 -0.78 -1.28
CA ALA A 157 10.93 0.18 -2.39
C ALA A 157 12.10 1.15 -2.33
N ARG A 158 12.69 1.30 -1.14
CA ARG A 158 13.87 2.20 -0.97
C ARG A 158 15.18 1.48 -1.38
N ALA A 159 15.15 0.14 -1.43
CA ALA A 159 16.28 -0.78 -1.77
C ALA A 159 16.41 -1.13 -3.27
N PHE A 160 15.36 -1.55 -3.96
CA PHE A 160 15.41 -2.09 -5.34
C PHE A 160 14.80 -1.13 -6.37
N GLY A 161 14.07 -0.09 -5.92
CA GLY A 161 13.21 0.68 -6.83
C GLY A 161 11.91 -0.03 -7.07
N VAL A 162 11.06 0.63 -7.84
CA VAL A 162 9.75 0.06 -8.26
C VAL A 162 9.83 -0.05 -9.77
N PRO A 163 9.90 -1.25 -10.35
CA PRO A 163 10.02 -1.39 -11.80
C PRO A 163 8.67 -1.15 -12.50
N VAL A 164 8.75 -0.90 -13.81
CA VAL A 164 7.56 -0.84 -14.71
C VAL A 164 6.94 -2.26 -14.78
N ARG A 165 7.77 -3.29 -14.97
CA ARG A 165 7.31 -4.68 -15.12
C ARG A 165 8.02 -5.52 -14.09
N THR A 166 7.38 -6.61 -13.66
CA THR A 166 8.01 -7.63 -12.78
C THR A 166 8.95 -8.48 -13.60
N TYR A 167 9.64 -9.35 -12.88
CA TYR A 167 10.62 -10.31 -13.46
C TYR A 167 9.94 -11.28 -14.45
N THR A 168 8.59 -11.42 -14.41
CA THR A 168 7.82 -12.27 -15.35
C THR A 168 6.96 -11.40 -16.30
N HIS A 169 7.31 -10.13 -16.45
CA HIS A 169 6.71 -9.19 -17.42
C HIS A 169 5.32 -8.71 -17.00
N GLU A 170 4.82 -9.02 -15.81
CA GLU A 170 3.55 -8.46 -15.30
C GLU A 170 3.74 -6.96 -15.10
N VAL A 171 2.70 -6.23 -15.38
CA VAL A 171 2.71 -4.77 -15.20
C VAL A 171 2.54 -4.47 -13.71
N VAL A 172 3.42 -3.67 -13.14
CA VAL A 172 3.27 -3.18 -11.73
C VAL A 172 2.14 -2.13 -11.68
N THR A 173 1.22 -2.29 -10.78
CA THR A 173 0.09 -1.41 -10.81
C THR A 173 0.45 0.06 -10.48
N LEU A 174 -0.22 0.98 -11.13
CA LEU A 174 -0.13 2.45 -10.88
C LEU A 174 -1.28 2.94 -9.99
N TRP A 175 -2.24 2.08 -9.67
CA TRP A 175 -3.54 2.57 -9.17
C TRP A 175 -3.40 3.29 -7.84
N TYR A 176 -2.38 3.02 -7.05
CA TYR A 176 -2.25 3.53 -5.69
C TYR A 176 -1.12 4.57 -5.61
N ARG A 177 -0.61 5.00 -6.76
CA ARG A 177 0.55 5.89 -6.77
C ARG A 177 0.12 7.36 -6.58
N ALA A 178 0.81 8.02 -5.65
CA ALA A 178 0.52 9.44 -5.33
C ALA A 178 0.83 10.37 -6.51
N PRO A 179 0.09 11.49 -6.58
CA PRO A 179 0.23 12.39 -7.73
C PRO A 179 1.64 13.00 -7.81
N GLU A 180 2.29 13.26 -6.69
CA GLU A 180 3.65 13.82 -6.77
C GLU A 180 4.60 12.86 -7.48
N ILE A 181 4.42 11.56 -7.30
CA ILE A 181 5.28 10.58 -7.96
C ILE A 181 4.97 10.65 -9.45
N LEU A 182 3.70 10.63 -9.81
CA LEU A 182 3.29 10.69 -11.23
C LEU A 182 3.78 11.96 -11.90
N LEU A 183 3.87 13.05 -11.16
CA LEU A 183 4.30 14.37 -11.71
C LEU A 183 5.84 14.48 -11.69
N GLY A 184 6.53 13.43 -11.31
CA GLY A 184 7.99 13.30 -11.52
C GLY A 184 8.81 13.86 -10.38
N CYS A 185 8.26 14.01 -9.21
CA CYS A 185 9.09 14.43 -8.08
CA CYS A 185 9.03 14.43 -8.03
C CYS A 185 9.98 13.28 -7.74
N LYS A 186 11.23 13.60 -7.49
CA LYS A 186 12.32 12.61 -7.33
C LYS A 186 12.57 12.36 -5.86
N TYR A 187 11.73 12.90 -5.04
CA TYR A 187 11.84 12.84 -3.59
C TYR A 187 10.49 12.40 -3.08
N TYR A 188 10.53 11.58 -2.11
CA TYR A 188 9.34 10.98 -1.50
C TYR A 188 9.24 11.40 -0.07
N SER A 189 8.02 11.49 0.41
CA SER A 189 7.71 11.74 1.81
C SER A 189 6.75 10.67 2.30
N THR A 190 6.54 10.68 3.59
CA THR A 190 5.55 9.76 4.24
C THR A 190 4.16 9.90 3.65
N ALA A 191 3.86 11.05 3.09
CA ALA A 191 2.55 11.29 2.48
C ALA A 191 2.25 10.33 1.34
N VAL A 192 3.25 9.79 0.66
CA VAL A 192 2.91 8.89 -0.46
C VAL A 192 2.14 7.64 0.06
N ASP A 193 2.46 7.21 1.26
CA ASP A 193 1.82 6.01 1.82
C ASP A 193 0.40 6.33 2.29
N ILE A 194 0.18 7.52 2.81
CA ILE A 194 -1.20 7.95 3.18
C ILE A 194 -2.06 7.98 1.94
N TRP A 195 -1.57 8.52 0.84
CA TRP A 195 -2.34 8.53 -0.41
C TRP A 195 -2.73 7.10 -0.79
N SER A 196 -1.75 6.19 -0.83
CA SER A 196 -2.08 4.82 -1.23
C SER A 196 -3.14 4.20 -0.33
N LEU A 197 -2.98 4.41 0.97
CA LEU A 197 -3.94 3.84 1.91
C LEU A 197 -5.33 4.47 1.70
N GLY A 198 -5.41 5.76 1.40
CA GLY A 198 -6.72 6.35 1.10
C GLY A 198 -7.36 5.72 -0.11
N CYS A 199 -6.58 5.41 -1.15
CA CYS A 199 -7.12 4.76 -2.30
C CYS A 199 -7.66 3.36 -1.92
N ILE A 200 -6.94 2.64 -1.07
CA ILE A 200 -7.35 1.31 -0.64
C ILE A 200 -8.62 1.37 0.22
N PHE A 201 -8.70 2.36 1.11
CA PHE A 201 -9.92 2.60 1.90
C PHE A 201 -11.11 2.74 0.98
N ALA A 202 -11.00 3.61 -0.03
CA ALA A 202 -12.12 3.88 -0.93
C ALA A 202 -12.52 2.57 -1.62
N GLU A 203 -11.55 1.77 -2.06
CA GLU A 203 -11.82 0.53 -2.77
C GLU A 203 -12.53 -0.51 -1.86
N MET A 204 -12.16 -0.56 -0.59
CA MET A 204 -12.88 -1.45 0.33
C MET A 204 -14.35 -1.04 0.44
N VAL A 205 -14.60 0.27 0.53
CA VAL A 205 -15.96 0.76 0.72
C VAL A 205 -16.80 0.54 -0.54
N THR A 206 -16.31 0.89 -1.70
CA THR A 206 -17.10 0.89 -2.96
C THR A 206 -17.08 -0.41 -3.74
N ARG A 207 -16.09 -1.28 -3.47
CA ARG A 207 -15.97 -2.59 -4.17
C ARG A 207 -15.37 -2.37 -5.56
N ARG A 208 -14.81 -1.18 -5.80
CA ARG A 208 -14.21 -0.81 -7.10
CA ARG A 208 -14.16 -0.86 -7.10
C ARG A 208 -12.92 -0.01 -6.84
N ALA A 209 -11.85 -0.26 -7.61
CA ALA A 209 -10.66 0.59 -7.48
C ALA A 209 -11.07 2.05 -7.71
N LEU A 210 -10.44 2.94 -6.97
CA LEU A 210 -10.77 4.39 -7.10
C LEU A 210 -10.21 4.95 -8.42
N PHE A 211 -8.93 4.65 -8.72
CA PHE A 211 -8.23 5.25 -9.86
C PHE A 211 -7.51 4.14 -10.62
N PRO A 212 -8.25 3.33 -11.43
CA PRO A 212 -7.59 2.17 -12.06
C PRO A 212 -6.90 2.52 -13.40
N GLY A 213 -5.88 3.35 -13.32
CA GLY A 213 -5.16 3.80 -14.52
C GLY A 213 -4.37 2.70 -15.18
N ASP A 214 -4.26 2.81 -16.47
CA ASP A 214 -3.51 1.80 -17.25
C ASP A 214 -2.30 2.37 -17.93
N SER A 215 -1.90 3.57 -17.59
CA SER A 215 -0.70 4.28 -18.04
C SER A 215 -0.49 5.43 -17.08
N GLU A 216 0.67 6.05 -17.11
CA GLU A 216 0.90 7.16 -16.19
C GLU A 216 -0.08 8.31 -16.45
N ILE A 217 -0.30 8.66 -17.72
CA ILE A 217 -1.22 9.80 -17.99
C ILE A 217 -2.67 9.38 -17.67
N ASP A 218 -3.05 8.13 -17.94
CA ASP A 218 -4.42 7.70 -17.62
C ASP A 218 -4.58 7.76 -16.08
N GLN A 219 -3.57 7.35 -15.33
CA GLN A 219 -3.62 7.40 -13.86
C GLN A 219 -3.82 8.85 -13.42
N LEU A 220 -2.92 9.68 -13.90
N LEU A 220 -3.04 9.84 -13.94
CA LEU A 220 -2.95 11.07 -13.51
CA LEU A 220 -3.17 11.29 -13.56
C LEU A 220 -4.32 11.67 -13.80
C LEU A 220 -4.50 11.94 -13.89
N PHE A 221 -4.88 11.53 -15.09
CA PHE A 221 -6.16 12.10 -15.56
C PHE A 221 -7.34 11.50 -14.78
N ARG A 222 -7.30 10.23 -14.39
CA ARG A 222 -8.35 9.71 -13.51
C ARG A 222 -8.34 10.46 -12.19
N ILE A 223 -7.19 10.70 -11.61
CA ILE A 223 -7.14 11.48 -10.37
C ILE A 223 -7.76 12.85 -10.62
N PHE A 224 -7.33 13.50 -11.70
CA PHE A 224 -7.79 14.88 -12.06
C PHE A 224 -9.31 14.95 -12.25
N ARG A 225 -9.91 13.91 -12.84
CA ARG A 225 -11.35 13.91 -13.12
C ARG A 225 -12.16 13.77 -11.85
N THR A 226 -11.59 13.18 -10.80
CA THR A 226 -12.33 13.04 -9.55
C THR A 226 -12.03 14.21 -8.62
N LEU A 227 -10.77 14.55 -8.44
CA LEU A 227 -10.36 15.52 -7.41
C LEU A 227 -10.22 16.94 -7.97
N GLY A 228 -10.37 17.10 -9.28
CA GLY A 228 -10.15 18.36 -9.98
C GLY A 228 -8.70 18.45 -10.46
N THR A 229 -8.44 19.13 -11.55
CA THR A 229 -7.03 19.34 -11.96
C THR A 229 -6.39 20.24 -10.93
N PRO A 230 -5.24 19.86 -10.36
CA PRO A 230 -4.60 20.67 -9.34
C PRO A 230 -4.06 21.98 -9.94
N ASP A 231 -3.94 22.99 -9.08
CA ASP A 231 -3.46 24.32 -9.43
C ASP A 231 -2.65 24.83 -8.25
N GLU A 232 -2.16 26.05 -8.42
CA GLU A 232 -1.29 26.66 -7.39
C GLU A 232 -2.09 26.99 -6.14
N VAL A 233 -3.40 27.15 -6.23
CA VAL A 233 -4.25 27.47 -5.03
C VAL A 233 -4.24 26.28 -4.09
N VAL A 234 -4.52 25.08 -4.60
CA VAL A 234 -4.65 23.88 -3.73
C VAL A 234 -3.30 23.19 -3.55
N TRP A 235 -2.35 23.45 -4.45
CA TRP A 235 -1.06 22.76 -4.39
C TRP A 235 0.03 23.72 -4.78
N PRO A 236 0.47 24.57 -3.86
CA PRO A 236 1.52 25.52 -4.21
C PRO A 236 2.80 24.78 -4.63
N GLY A 237 3.36 25.17 -5.78
CA GLY A 237 4.52 24.52 -6.36
C GLY A 237 4.18 23.52 -7.47
N VAL A 238 2.91 23.13 -7.64
CA VAL A 238 2.62 21.99 -8.54
C VAL A 238 3.07 22.35 -9.96
N THR A 239 2.91 23.60 -10.40
CA THR A 239 3.10 23.96 -11.82
C THR A 239 4.60 23.92 -12.16
N SER A 240 5.49 23.80 -11.17
CA SER A 240 6.95 23.67 -11.41
C SER A 240 7.44 22.24 -11.28
N MET A 241 6.50 21.29 -11.14
CA MET A 241 6.80 19.83 -11.04
C MET A 241 7.42 19.37 -12.36
N PRO A 242 8.35 18.37 -12.38
CA PRO A 242 9.02 18.01 -13.62
C PRO A 242 8.05 17.67 -14.78
N ASP A 243 7.00 16.88 -14.49
CA ASP A 243 6.13 16.34 -15.56
C ASP A 243 4.82 17.13 -15.63
N TYR A 244 4.69 18.25 -14.95
CA TYR A 244 3.51 19.10 -15.07
C TYR A 244 3.50 19.74 -16.45
N LYS A 245 2.33 19.78 -17.06
CA LYS A 245 2.21 20.54 -18.32
CA LYS A 245 2.08 20.39 -18.39
C LYS A 245 1.01 21.44 -18.22
N PRO A 246 1.24 22.70 -18.60
CA PRO A 246 0.18 23.70 -18.61
C PRO A 246 -1.01 23.34 -19.50
N SER A 247 -0.79 22.44 -20.43
CA SER A 247 -1.83 21.94 -21.34
C SER A 247 -2.68 20.83 -20.74
N PHE A 248 -2.49 20.47 -19.47
CA PHE A 248 -3.35 19.39 -18.91
C PHE A 248 -4.80 19.90 -18.86
N PRO A 249 -5.81 19.12 -19.33
CA PRO A 249 -7.21 19.54 -19.26
C PRO A 249 -7.57 19.98 -17.83
N LYS A 250 -8.52 20.88 -17.73
CA LYS A 250 -9.00 21.47 -16.48
C LYS A 250 -10.35 20.82 -16.14
N TRP A 251 -10.31 19.89 -15.22
CA TRP A 251 -11.52 19.21 -14.73
C TRP A 251 -11.93 19.81 -13.39
N ALA A 252 -13.25 19.86 -13.16
CA ALA A 252 -13.82 20.28 -11.85
C ALA A 252 -13.71 19.12 -10.86
N ARG A 253 -13.62 19.43 -9.59
CA ARG A 253 -13.59 18.45 -8.47
C ARG A 253 -15.01 17.88 -8.24
N GLN A 254 -15.12 16.56 -7.99
N GLN A 254 -15.10 16.63 -7.87
CA GLN A 254 -16.38 15.83 -7.59
CA GLN A 254 -16.40 16.00 -7.54
C GLN A 254 -16.55 15.79 -6.05
C GLN A 254 -16.56 15.99 -6.03
N ASP A 255 -17.78 15.84 -5.55
CA ASP A 255 -18.06 15.67 -4.12
C ASP A 255 -17.69 14.25 -3.74
N PHE A 256 -17.08 14.09 -2.59
CA PHE A 256 -16.82 12.70 -2.11
CA PHE A 256 -16.82 12.73 -2.03
C PHE A 256 -18.11 11.94 -1.82
N SER A 257 -19.27 12.64 -1.61
CA SER A 257 -20.54 11.94 -1.45
C SER A 257 -20.89 11.13 -2.68
N LYS A 258 -20.42 11.59 -3.86
CA LYS A 258 -20.68 10.87 -5.13
CA LYS A 258 -20.64 10.91 -5.17
C LYS A 258 -19.64 9.76 -5.34
N VAL A 259 -18.46 9.93 -4.80
CA VAL A 259 -17.31 9.04 -5.08
C VAL A 259 -17.37 7.79 -4.20
N VAL A 260 -17.63 7.93 -2.91
CA VAL A 260 -17.60 6.78 -1.99
C VAL A 260 -18.87 6.57 -1.20
N PRO A 261 -20.09 6.62 -1.81
CA PRO A 261 -21.29 6.23 -1.05
C PRO A 261 -21.15 4.74 -0.71
N PRO A 262 -21.62 4.19 0.44
CA PRO A 262 -22.39 4.93 1.47
C PRO A 262 -21.54 5.32 2.68
N LEU A 263 -20.27 5.64 2.49
CA LEU A 263 -19.41 6.05 3.60
C LEU A 263 -20.00 7.29 4.27
N ASP A 264 -19.97 7.31 5.56
CA ASP A 264 -20.55 8.36 6.39
C ASP A 264 -19.64 9.60 6.39
N GLU A 265 -20.16 10.66 6.99
CA GLU A 265 -19.48 11.97 6.94
C GLU A 265 -18.12 11.92 7.61
N ASP A 266 -17.98 11.16 8.69
CA ASP A 266 -16.65 11.02 9.31
C ASP A 266 -15.65 10.35 8.36
N GLY A 267 -16.07 9.26 7.77
CA GLY A 267 -15.20 8.54 6.83
C GLY A 267 -14.84 9.39 5.63
N ARG A 268 -15.80 10.12 5.08
CA ARG A 268 -15.52 10.95 3.91
C ARG A 268 -14.58 12.08 4.29
N SER A 269 -14.73 12.65 5.48
CA SER A 269 -13.82 13.70 5.95
C SER A 269 -12.39 13.14 6.03
N LEU A 270 -12.24 11.99 6.67
CA LEU A 270 -10.91 11.37 6.79
C LEU A 270 -10.37 11.07 5.39
N LEU A 271 -11.13 10.48 4.51
CA LEU A 271 -10.64 10.15 3.16
C LEU A 271 -10.16 11.42 2.46
N SER A 272 -10.94 12.51 2.55
CA SER A 272 -10.55 13.77 1.88
CA SER A 272 -10.57 13.78 1.88
C SER A 272 -9.19 14.23 2.39
N GLN A 273 -8.91 14.05 3.67
CA GLN A 273 -7.62 14.47 4.22
C GLN A 273 -6.49 13.55 3.79
N MET A 274 -6.77 12.28 3.52
CA MET A 274 -5.75 11.34 3.00
C MET A 274 -5.43 11.59 1.51
N LEU A 275 -6.37 12.24 0.83
CA LEU A 275 -6.22 12.44 -0.63
C LEU A 275 -6.03 13.93 -0.99
N HIS A 276 -5.59 14.75 -0.05
CA HIS A 276 -5.18 16.11 -0.44
C HIS A 276 -4.07 16.04 -1.48
N TYR A 277 -4.12 16.94 -2.43
CA TYR A 277 -3.08 16.97 -3.45
C TYR A 277 -1.71 17.29 -2.85
N ASP A 278 -1.63 18.38 -2.07
CA ASP A 278 -0.34 18.83 -1.52
C ASP A 278 0.09 17.81 -0.47
N PRO A 279 1.22 17.11 -0.65
CA PRO A 279 1.62 16.11 0.33
C PRO A 279 1.74 16.74 1.71
N ASN A 280 2.08 18.03 1.77
CA ASN A 280 2.23 18.72 3.06
C ASN A 280 0.90 18.87 3.78
N LYS A 281 -0.22 18.86 3.06
CA LYS A 281 -1.56 19.05 3.66
C LYS A 281 -2.11 17.69 4.07
N ARG A 282 -1.65 16.62 3.49
CA ARG A 282 -2.26 15.30 3.70
C ARG A 282 -2.10 14.92 5.17
N ILE A 283 -3.11 14.31 5.73
CA ILE A 283 -3.08 13.92 7.15
C ILE A 283 -1.93 12.92 7.36
N SER A 284 -1.32 12.98 8.54
CA SER A 284 -0.33 11.97 8.97
C SER A 284 -1.04 10.72 9.47
N ALA A 285 -0.32 9.60 9.51
CA ALA A 285 -0.88 8.39 10.12
C ALA A 285 -1.24 8.63 11.58
N LYS A 286 -0.38 9.32 12.32
CA LYS A 286 -0.65 9.54 13.73
C LYS A 286 -1.90 10.38 13.90
N ALA A 287 -2.04 11.47 13.13
CA ALA A 287 -3.27 12.31 13.27
C ALA A 287 -4.51 11.57 12.81
N ALA A 288 -4.35 10.71 11.80
CA ALA A 288 -5.51 9.94 11.34
C ALA A 288 -6.03 9.00 12.48
N LEU A 289 -5.14 8.43 13.29
CA LEU A 289 -5.59 7.54 14.36
C LEU A 289 -6.52 8.26 15.32
N ALA A 290 -6.37 9.57 15.48
CA ALA A 290 -7.18 10.40 16.41
C ALA A 290 -8.45 10.90 15.74
N HIS A 291 -8.71 10.55 14.50
CA HIS A 291 -9.88 11.05 13.77
C HIS A 291 -11.16 10.49 14.39
N PRO A 292 -12.25 11.29 14.43
CA PRO A 292 -13.52 10.76 14.95
C PRO A 292 -14.06 9.51 14.24
N PHE A 293 -13.66 9.26 13.01
CA PHE A 293 -14.09 8.00 12.34
C PHE A 293 -13.76 6.76 13.21
N PHE A 294 -12.71 6.85 14.04
CA PHE A 294 -12.26 5.66 14.82
C PHE A 294 -12.81 5.64 16.24
N GLN A 295 -13.70 6.54 16.57
CA GLN A 295 -14.21 6.58 17.96
C GLN A 295 -14.86 5.26 18.36
N ASP A 296 -15.54 4.64 17.43
CA ASP A 296 -16.25 3.35 17.69
C ASP A 296 -15.54 2.17 17.08
N VAL A 297 -14.23 2.24 16.89
CA VAL A 297 -13.54 1.10 16.25
C VAL A 297 -13.51 -0.08 17.19
N THR A 298 -13.57 -1.23 16.54
CA THR A 298 -13.59 -2.57 17.16
C THR A 298 -12.67 -3.46 16.34
N LYS A 299 -12.51 -4.68 16.83
CA LYS A 299 -11.69 -5.67 16.06
C LYS A 299 -12.52 -6.91 15.80
N PRO A 300 -13.34 -6.96 14.75
CA PRO A 300 -14.12 -8.13 14.43
C PRO A 300 -13.25 -9.25 13.90
N VAL A 301 -13.83 -10.44 13.94
CA VAL A 301 -13.33 -11.71 13.39
C VAL A 301 -13.84 -11.80 11.96
N PRO A 302 -12.99 -11.89 10.95
CA PRO A 302 -13.40 -12.02 9.55
C PRO A 302 -13.77 -13.46 9.21
N HIS A 303 -14.58 -13.64 8.18
CA HIS A 303 -14.89 -14.95 7.61
C HIS A 303 -13.78 -15.29 6.61
N LEU A 304 -12.82 -16.12 7.04
CA LEU A 304 -11.72 -16.63 6.18
C LEU A 304 -11.93 -18.12 5.88
N ARG A 305 -11.94 -18.49 4.59
CA ARG A 305 -11.81 -19.87 4.06
C ARG A 305 -10.39 -20.08 3.52
N LEU A 306 -9.69 -21.09 4.02
CA LEU A 306 -8.28 -21.40 3.67
C LEU A 306 -8.15 -22.84 3.13
C4 HHN B . 3.51 -13.25 1.53
N1 HHN B . 2.71 -14.62 3.72
N2 HHN B . 2.66 -14.28 1.39
C3 HHN B . 2.29 -14.91 2.50
BR1 HHN B . 5.26 -11.46 2.86
C1 HHN B . 4.06 -12.90 2.75
C2 HHN B . 3.59 -13.59 3.87
#